data_6NUT
#
_entry.id   6NUT
#
_cell.length_a   1
_cell.length_b   1
_cell.length_c   1
_cell.angle_alpha   90.00
_cell.angle_beta   90.00
_cell.angle_gamma   90.00
#
_symmetry.space_group_name_H-M   'P 1'
#
loop_
_entity.id
_entity.type
_entity.pdbx_description
1 polymer Nucleoprotein
2 polymer "RNA (5'-R(P*AP*AP*AP*AP*AP*A)-3')"
#
loop_
_entity_poly.entity_id
_entity_poly.type
_entity_poly.pdbx_seq_one_letter_code
_entity_poly.pdbx_strand_id
1 'polypeptide(L)'
;MDSRPQKIWMAPSLTESDMDYHKILTAGLSVQQGIVRQRVIPVYQVNNLEEICQLIIQAFEAGVDFQESADSFLLMLCLH
HAYQGDYKLFLESGAVKYLEGHGFRFEVKKRDGVKRLEELLPAVSSGKNIKRTLAAMPEEETTEANAGQFLSFASLFLPK
LVVGEKACLEKVQRQIQVHAEQGLIQYPTAWQSVGHMMVIFRLMRTNFLIKFLLIHQGMHMVAGHDANDAVISNSVAQAR
FSGLLIVKTVLDHILQKTERGVRLHPLARTAKVKNEVNSFKAALSSLAKHGEYAPFARLLNLSGVNNLEHGLFPQLSAIA
LGVATAHGSTLAGVNVGEQYQQLREAATEAEKQLQQYAESRELDHLGLDDQEKKILMNFHQKKNEISFQQTNAMVTLRKE
RLAKLTEAITAASLPKTSGHYDDDDDIPFPGPINDDDNPGHQDDDPTDSQ
;
A
2 'polyribonucleotide' AAAAAA D
#
# COMPACT_ATOMS: atom_id res chain seq x y z
N ASP A 20 2.19 -35.89 15.26
CA ASP A 20 3.06 -34.74 14.98
C ASP A 20 2.87 -33.72 16.08
N TYR A 21 3.96 -33.28 16.69
CA TYR A 21 3.89 -32.33 17.80
C TYR A 21 4.20 -30.90 17.43
N HIS A 22 4.50 -30.64 16.17
CA HIS A 22 4.83 -29.28 15.80
C HIS A 22 3.65 -28.58 15.18
N LYS A 23 2.61 -29.34 14.90
CA LYS A 23 1.41 -28.81 14.28
C LYS A 23 0.73 -27.78 15.15
N ILE A 24 0.93 -27.88 16.47
CA ILE A 24 0.35 -26.94 17.40
C ILE A 24 0.80 -25.52 17.10
N LEU A 25 1.99 -25.38 16.55
CA LEU A 25 2.59 -24.08 16.31
C LEU A 25 1.89 -23.31 15.21
N THR A 26 1.11 -24.00 14.39
CA THR A 26 0.39 -23.38 13.29
C THR A 26 -1.11 -23.47 13.49
N ALA A 27 -1.56 -24.00 14.63
CA ALA A 27 -2.97 -24.30 14.81
C ALA A 27 -3.88 -23.08 14.69
N GLY A 28 -3.39 -21.95 15.16
CA GLY A 28 -4.18 -20.72 15.14
C GLY A 28 -3.89 -19.85 13.92
N LEU A 29 -3.12 -20.35 12.95
CA LEU A 29 -2.76 -19.53 11.81
C LEU A 29 -3.66 -19.71 10.60
N SER A 30 -4.30 -20.86 10.50
CA SER A 30 -5.12 -21.16 9.33
C SER A 30 -6.48 -21.69 9.72
N VAL A 31 -7.48 -20.91 9.38
CA VAL A 31 -8.85 -21.24 9.71
C VAL A 31 -9.68 -21.20 8.43
N GLN A 32 -10.84 -21.83 8.46
CA GLN A 32 -11.74 -21.83 7.32
C GLN A 32 -12.44 -20.48 7.20
N GLN A 33 -12.56 -19.97 5.98
CA GLN A 33 -13.27 -18.73 5.78
C GLN A 33 -14.75 -18.88 6.05
N GLY A 34 -15.31 -17.88 6.71
CA GLY A 34 -16.72 -17.80 7.00
C GLY A 34 -17.01 -16.42 7.55
N ILE A 35 -18.24 -16.17 7.92
CA ILE A 35 -18.60 -14.84 8.38
C ILE A 35 -18.87 -14.78 9.87
N VAL A 36 -18.11 -13.93 10.54
CA VAL A 36 -18.24 -13.77 11.97
C VAL A 36 -18.72 -12.37 12.32
N ARG A 37 -19.04 -11.61 11.30
CA ARG A 37 -19.48 -10.25 11.53
C ARG A 37 -20.53 -9.86 10.51
N GLN A 38 -21.40 -8.94 10.84
CA GLN A 38 -22.30 -8.38 9.85
C GLN A 38 -22.22 -6.87 9.81
N ARG A 39 -22.03 -6.32 8.62
CA ARG A 39 -21.94 -4.88 8.43
C ARG A 39 -22.91 -4.40 7.37
N VAL A 40 -24.02 -3.82 7.81
CA VAL A 40 -25.03 -3.38 6.87
C VAL A 40 -24.78 -1.93 6.50
N ILE A 41 -24.69 -1.69 5.21
CA ILE A 41 -24.45 -0.38 4.66
C ILE A 41 -25.65 0.11 3.89
N PRO A 42 -26.31 1.18 4.31
CA PRO A 42 -27.35 1.81 3.56
C PRO A 42 -26.77 2.32 2.27
N VAL A 43 -27.45 2.06 1.20
CA VAL A 43 -27.11 2.58 -0.09
C VAL A 43 -28.24 3.51 -0.42
N TYR A 44 -27.99 4.80 -0.53
CA TYR A 44 -29.15 5.64 -0.68
C TYR A 44 -29.42 5.84 -2.14
N GLN A 45 -30.67 5.70 -2.52
CA GLN A 45 -31.07 5.90 -3.88
C GLN A 45 -31.93 7.12 -4.02
N VAL A 46 -31.32 8.15 -4.57
CA VAL A 46 -31.93 9.45 -4.68
C VAL A 46 -31.87 9.86 -6.13
N ASN A 47 -32.70 10.80 -6.57
CA ASN A 47 -32.55 11.25 -7.94
C ASN A 47 -31.43 12.28 -8.06
N ASN A 48 -31.27 13.10 -7.05
CA ASN A 48 -30.26 14.15 -7.11
C ASN A 48 -28.93 13.68 -6.60
N LEU A 49 -28.38 12.65 -7.23
CA LEU A 49 -27.15 12.03 -6.73
C LEU A 49 -25.99 12.99 -6.79
N GLU A 50 -25.93 13.83 -7.83
CA GLU A 50 -24.85 14.78 -7.90
C GLU A 50 -24.94 15.78 -6.77
N GLU A 51 -26.15 16.21 -6.40
CA GLU A 51 -26.26 17.19 -5.35
C GLU A 51 -25.83 16.58 -4.04
N ILE A 52 -26.16 15.31 -3.83
CA ILE A 52 -25.74 14.67 -2.61
C ILE A 52 -24.24 14.56 -2.58
N CYS A 53 -23.64 14.19 -3.71
CA CYS A 53 -22.19 14.07 -3.76
C CYS A 53 -21.53 15.39 -3.43
N GLN A 54 -22.09 16.50 -3.91
CA GLN A 54 -21.52 17.80 -3.60
C GLN A 54 -21.62 18.09 -2.11
N LEU A 55 -22.74 17.70 -1.49
CA LEU A 55 -22.90 17.93 -0.06
C LEU A 55 -21.88 17.13 0.73
N ILE A 56 -21.60 15.91 0.28
CA ILE A 56 -20.66 15.05 0.96
C ILE A 56 -19.28 15.66 0.89
N ILE A 57 -18.89 16.14 -0.28
CA ILE A 57 -17.58 16.74 -0.41
C ILE A 57 -17.49 17.96 0.49
N GLN A 58 -18.53 18.79 0.52
CA GLN A 58 -18.50 19.96 1.39
C GLN A 58 -18.40 19.56 2.85
N ALA A 59 -19.09 18.50 3.25
CA ALA A 59 -19.02 18.04 4.63
C ALA A 59 -17.62 17.58 4.97
N PHE A 60 -16.94 16.93 4.01
CA PHE A 60 -15.58 16.50 4.26
C PHE A 60 -14.65 17.71 4.33
N GLU A 61 -14.87 18.72 3.49
CA GLU A 61 -14.04 19.93 3.53
C GLU A 61 -14.19 20.65 4.86
N ALA A 62 -15.38 20.54 5.44
CA ALA A 62 -15.72 21.15 6.72
C ALA A 62 -15.19 20.32 7.89
N GLY A 63 -14.61 19.15 7.62
CA GLY A 63 -14.08 18.28 8.66
C GLY A 63 -15.13 17.42 9.37
N VAL A 64 -16.23 17.10 8.71
CA VAL A 64 -17.25 16.29 9.38
C VAL A 64 -16.88 14.82 9.50
N ASP A 65 -16.98 14.32 10.73
CA ASP A 65 -16.76 12.92 11.00
C ASP A 65 -18.10 12.21 10.95
N PHE A 66 -18.30 11.38 9.95
CA PHE A 66 -19.58 10.70 9.77
C PHE A 66 -19.64 9.37 10.51
N GLN A 67 -18.57 9.04 11.20
CA GLN A 67 -18.48 7.82 11.99
C GLN A 67 -18.94 6.60 11.24
N GLU A 68 -19.93 5.89 11.78
CA GLU A 68 -20.44 4.66 11.20
C GLU A 68 -21.19 4.88 9.89
N SER A 69 -21.66 6.09 9.64
CA SER A 69 -22.42 6.38 8.43
C SER A 69 -21.47 6.69 7.28
N ALA A 70 -20.18 6.83 7.56
CA ALA A 70 -19.21 7.21 6.55
C ALA A 70 -19.21 6.24 5.41
N ASP A 71 -19.49 4.96 5.67
CA ASP A 71 -19.49 3.97 4.61
C ASP A 71 -20.51 4.33 3.54
N SER A 72 -21.65 4.91 3.94
CA SER A 72 -22.71 5.21 2.98
C SER A 72 -22.36 6.43 2.17
N PHE A 73 -21.71 7.38 2.80
CA PHE A 73 -21.41 8.60 2.07
C PHE A 73 -20.25 8.36 1.11
N LEU A 74 -19.26 7.61 1.54
CA LEU A 74 -18.14 7.28 0.69
C LEU A 74 -18.60 6.35 -0.44
N LEU A 75 -19.54 5.45 -0.15
CA LEU A 75 -20.08 4.57 -1.16
C LEU A 75 -20.81 5.39 -2.22
N MET A 76 -21.63 6.37 -1.83
CA MET A 76 -22.31 7.18 -2.84
C MET A 76 -21.34 7.93 -3.74
N LEU A 77 -20.23 8.42 -3.19
CA LEU A 77 -19.28 9.11 -4.07
C LEU A 77 -18.71 8.12 -5.09
N CYS A 78 -18.44 6.89 -4.64
CA CYS A 78 -17.88 5.83 -5.47
C CYS A 78 -18.85 5.34 -6.52
N LEU A 79 -20.11 5.19 -6.14
CA LEU A 79 -21.19 4.72 -7.00
C LEU A 79 -21.48 5.75 -8.07
N HIS A 80 -21.48 7.02 -7.68
CA HIS A 80 -21.67 8.07 -8.64
C HIS A 80 -20.51 8.10 -9.62
N HIS A 81 -19.28 8.11 -9.11
CA HIS A 81 -18.14 8.15 -10.01
C HIS A 81 -18.03 6.92 -10.92
N ALA A 82 -18.09 5.72 -10.35
CA ALA A 82 -17.89 4.53 -11.15
C ALA A 82 -19.07 4.12 -12.02
N TYR A 83 -20.31 4.29 -11.54
CA TYR A 83 -21.44 3.84 -12.32
C TYR A 83 -22.44 4.91 -12.72
N GLN A 84 -22.15 6.17 -12.46
CA GLN A 84 -23.05 7.27 -12.83
C GLN A 84 -24.44 7.06 -12.27
N GLY A 85 -24.53 6.55 -11.06
CA GLY A 85 -25.84 6.33 -10.45
C GLY A 85 -26.48 5.00 -10.79
N ASP A 86 -25.82 4.12 -11.53
CA ASP A 86 -26.47 2.87 -11.83
C ASP A 86 -26.27 1.88 -10.68
N TYR A 87 -27.26 1.90 -9.79
CA TYR A 87 -27.26 1.10 -8.56
C TYR A 87 -27.37 -0.38 -8.85
N LYS A 88 -28.02 -0.72 -9.96
CA LYS A 88 -28.16 -2.12 -10.28
C LYS A 88 -26.81 -2.68 -10.63
N LEU A 89 -26.04 -1.96 -11.45
CA LEU A 89 -24.73 -2.50 -11.78
C LEU A 89 -23.79 -2.45 -10.59
N PHE A 90 -23.88 -1.39 -9.80
CA PHE A 90 -22.99 -1.29 -8.65
C PHE A 90 -23.11 -2.51 -7.79
N LEU A 91 -24.34 -2.93 -7.49
CA LEU A 91 -24.56 -4.03 -6.59
C LEU A 91 -24.34 -5.42 -7.21
N GLU A 92 -24.02 -5.47 -8.50
CA GLU A 92 -23.70 -6.71 -9.19
C GLU A 92 -22.19 -6.79 -9.45
N SER A 93 -21.46 -5.77 -9.00
CA SER A 93 -20.04 -5.67 -9.25
C SER A 93 -19.23 -6.67 -8.49
N GLY A 94 -17.99 -6.90 -8.95
CA GLY A 94 -17.05 -7.78 -8.27
C GLY A 94 -16.71 -7.26 -6.88
N ALA A 95 -16.67 -5.93 -6.73
CA ALA A 95 -16.35 -5.37 -5.43
C ALA A 95 -17.38 -5.75 -4.42
N VAL A 96 -18.64 -5.68 -4.82
CA VAL A 96 -19.71 -6.04 -3.91
C VAL A 96 -19.73 -7.52 -3.65
N LYS A 97 -19.61 -8.33 -4.69
CA LYS A 97 -19.63 -9.76 -4.47
C LYS A 97 -18.51 -10.19 -3.52
N TYR A 98 -17.33 -9.57 -3.63
CA TYR A 98 -16.24 -9.85 -2.70
C TYR A 98 -16.64 -9.49 -1.29
N LEU A 99 -17.12 -8.26 -1.10
CA LEU A 99 -17.43 -7.75 0.23
C LEU A 99 -18.55 -8.52 0.91
N GLU A 100 -19.52 -8.98 0.14
CA GLU A 100 -20.62 -9.73 0.73
C GLU A 100 -20.13 -11.02 1.38
N GLY A 101 -19.02 -11.58 0.87
CA GLY A 101 -18.50 -12.84 1.37
C GLY A 101 -17.79 -12.67 2.70
N HIS A 102 -17.63 -11.42 3.13
CA HIS A 102 -16.99 -11.07 4.36
C HIS A 102 -17.97 -10.44 5.34
N GLY A 103 -19.26 -10.57 5.06
CA GLY A 103 -20.27 -10.05 5.97
C GLY A 103 -20.84 -8.69 5.64
N PHE A 104 -20.50 -8.11 4.50
CA PHE A 104 -21.10 -6.83 4.18
C PHE A 104 -22.46 -7.04 3.58
N ARG A 105 -23.39 -6.19 3.92
CA ARG A 105 -24.71 -6.26 3.36
C ARG A 105 -25.11 -4.91 2.82
N PHE A 106 -25.55 -4.87 1.58
CA PHE A 106 -25.90 -3.60 0.97
C PHE A 106 -27.40 -3.49 0.77
N GLU A 107 -28.01 -2.51 1.40
CA GLU A 107 -29.46 -2.36 1.31
C GLU A 107 -29.82 -1.01 0.71
N VAL A 108 -30.69 -1.01 -0.29
CA VAL A 108 -31.05 0.25 -0.92
C VAL A 108 -32.22 0.94 -0.22
N LYS A 109 -32.01 2.21 0.12
CA LYS A 109 -33.01 3.00 0.81
C LYS A 109 -33.42 4.18 -0.07
N LYS A 110 -34.65 4.20 -0.56
CA LYS A 110 -35.04 5.26 -1.49
C LYS A 110 -35.44 6.57 -0.83
N ARG A 111 -34.49 7.19 -0.14
CA ARG A 111 -34.77 8.44 0.55
C ARG A 111 -34.58 9.62 -0.37
N ASP A 112 -35.46 9.71 -1.34
CA ASP A 112 -35.41 10.73 -2.37
C ASP A 112 -35.94 12.08 -1.87
N GLY A 113 -35.57 13.13 -2.60
CA GLY A 113 -36.03 14.50 -2.32
C GLY A 113 -35.15 15.26 -1.32
N VAL A 114 -34.02 14.67 -0.96
CA VAL A 114 -33.08 15.21 0.00
C VAL A 114 -32.31 16.44 -0.39
N LYS A 115 -32.31 17.41 0.52
CA LYS A 115 -31.62 18.67 0.35
C LYS A 115 -30.41 18.79 1.28
N ARG A 116 -30.42 18.02 2.36
CA ARG A 116 -29.35 18.09 3.36
C ARG A 116 -28.87 16.68 3.75
N LEU A 117 -27.62 16.51 4.16
CA LEU A 117 -27.17 15.14 4.49
C LEU A 117 -27.79 14.63 5.79
N GLU A 118 -28.23 15.56 6.63
CA GLU A 118 -28.87 15.21 7.89
C GLU A 118 -30.18 14.46 7.65
N GLU A 119 -30.70 14.53 6.42
CA GLU A 119 -31.93 13.86 6.02
C GLU A 119 -31.66 12.41 5.57
N LEU A 120 -30.38 12.06 5.38
CA LEU A 120 -29.99 10.70 5.02
C LEU A 120 -29.55 9.94 6.26
N LEU A 121 -28.95 10.65 7.21
CA LEU A 121 -28.45 9.99 8.40
C LEU A 121 -29.60 9.30 9.13
N PRO A 122 -29.40 8.10 9.68
CA PRO A 122 -30.38 7.35 10.44
C PRO A 122 -31.13 8.25 11.41
N GLY A 127 -25.37 9.10 17.12
CA GLY A 127 -24.98 9.76 15.87
C GLY A 127 -25.48 11.20 15.87
N LYS A 128 -26.01 11.61 17.01
CA LYS A 128 -26.54 12.96 17.20
C LYS A 128 -25.46 14.01 17.03
N ASN A 129 -24.21 13.60 17.24
CA ASN A 129 -23.07 14.48 17.10
C ASN A 129 -22.81 14.78 15.62
N ILE A 130 -23.23 13.88 14.73
CA ILE A 130 -23.00 14.06 13.32
C ILE A 130 -24.08 15.01 12.88
N LYS A 131 -25.30 14.74 13.37
CA LYS A 131 -26.47 15.52 13.00
C LYS A 131 -26.28 16.98 13.39
N ARG A 132 -25.70 17.25 14.56
CA ARG A 132 -25.53 18.65 14.93
C ARG A 132 -24.39 19.28 14.14
N THR A 133 -23.36 18.50 13.81
CA THR A 133 -22.24 19.03 13.05
C THR A 133 -22.71 19.47 11.67
N LEU A 134 -23.55 18.64 11.04
CA LEU A 134 -24.11 18.95 9.73
C LEU A 134 -25.16 20.04 9.81
N ALA A 135 -25.94 20.06 10.89
CA ALA A 135 -26.94 21.09 11.03
C ALA A 135 -26.26 22.45 11.05
N ALA A 136 -25.10 22.51 11.71
CA ALA A 136 -24.31 23.73 11.80
C ALA A 136 -23.44 23.89 10.56
N MET A 137 -24.12 24.07 9.43
CA MET A 137 -23.48 24.17 8.13
C MET A 137 -24.45 24.76 7.11
N THR A 142 -20.94 26.45 -1.65
CA THR A 142 -20.62 25.80 -2.92
C THR A 142 -19.13 25.47 -3.00
N THR A 143 -18.83 24.22 -3.39
CA THR A 143 -17.45 23.79 -3.50
C THR A 143 -16.94 23.80 -4.94
N GLU A 144 -15.70 23.39 -5.10
CA GLU A 144 -14.98 23.41 -6.37
C GLU A 144 -14.53 22.04 -6.87
N ALA A 145 -15.24 20.97 -6.51
CA ALA A 145 -14.80 19.65 -6.92
C ALA A 145 -15.92 18.65 -7.13
N ASN A 146 -15.62 17.63 -7.93
CA ASN A 146 -16.55 16.55 -8.14
C ASN A 146 -16.12 15.29 -7.37
N ALA A 147 -16.94 14.24 -7.45
CA ALA A 147 -16.65 12.99 -6.75
C ALA A 147 -15.37 12.34 -7.22
N GLY A 148 -15.06 12.49 -8.51
CA GLY A 148 -13.89 11.84 -9.06
C GLY A 148 -12.64 12.42 -8.45
N GLN A 149 -12.65 13.73 -8.27
CA GLN A 149 -11.53 14.43 -7.69
C GLN A 149 -11.40 14.09 -6.23
N PHE A 150 -12.51 13.97 -5.53
CA PHE A 150 -12.42 13.64 -4.13
C PHE A 150 -11.78 12.27 -3.98
N LEU A 151 -12.28 11.31 -4.76
CA LEU A 151 -11.79 9.96 -4.68
C LEU A 151 -10.35 9.82 -5.16
N SER A 152 -9.98 10.53 -6.23
CA SER A 152 -8.62 10.39 -6.70
C SER A 152 -7.66 11.09 -5.75
N PHE A 153 -8.11 12.14 -5.08
CA PHE A 153 -7.27 12.80 -4.11
C PHE A 153 -7.03 11.84 -2.96
N ALA A 154 -8.10 11.20 -2.50
CA ALA A 154 -7.97 10.26 -1.39
C ALA A 154 -7.04 9.12 -1.75
N SER A 155 -7.03 8.69 -3.00
CA SER A 155 -6.19 7.58 -3.41
C SER A 155 -4.72 7.93 -3.33
N LEU A 156 -4.36 9.21 -3.25
CA LEU A 156 -2.98 9.63 -3.21
C LEU A 156 -2.37 9.24 -1.89
N PHE A 157 -3.22 8.92 -0.92
CA PHE A 157 -2.78 8.56 0.40
C PHE A 157 -2.55 7.07 0.51
N LEU A 158 -2.84 6.28 -0.54
CA LEU A 158 -2.65 4.85 -0.38
C LEU A 158 -1.16 4.48 -0.25
N PRO A 159 -0.21 4.93 -1.09
CA PRO A 159 1.17 4.61 -0.92
C PRO A 159 1.57 5.26 0.40
N LYS A 160 2.29 4.54 1.23
CA LYS A 160 2.72 5.03 2.54
C LYS A 160 1.57 5.36 3.52
N LEU A 161 0.36 4.86 3.28
CA LEU A 161 -0.72 5.12 4.25
C LEU A 161 -0.37 4.55 5.61
N VAL A 162 0.33 3.44 5.56
CA VAL A 162 0.70 2.63 6.69
C VAL A 162 2.08 2.94 7.22
N VAL A 163 2.66 4.06 6.80
CA VAL A 163 3.98 4.47 7.29
C VAL A 163 3.90 5.65 8.25
N GLY A 164 2.70 6.10 8.53
CA GLY A 164 2.48 7.21 9.44
C GLY A 164 2.05 8.46 8.69
N GLU A 165 1.38 9.37 9.39
CA GLU A 165 0.87 10.56 8.74
C GLU A 165 1.94 11.48 8.18
N LYS A 166 3.13 11.52 8.76
CA LYS A 166 4.10 12.44 8.20
C LYS A 166 4.51 12.00 6.81
N ALA A 167 4.89 10.73 6.71
CA ALA A 167 5.35 10.16 5.47
C ALA A 167 4.25 10.17 4.44
N CYS A 168 3.03 9.90 4.88
CA CYS A 168 1.91 9.87 3.97
C CYS A 168 1.67 11.25 3.41
N LEU A 169 1.67 12.29 4.26
CA LEU A 169 1.40 13.61 3.73
C LEU A 169 2.47 14.06 2.75
N GLU A 170 3.73 13.71 3.01
CA GLU A 170 4.78 14.13 2.08
C GLU A 170 4.58 13.48 0.72
N LYS A 171 4.20 12.21 0.72
CA LYS A 171 3.99 11.49 -0.52
C LYS A 171 2.84 12.11 -1.30
N VAL A 172 1.79 12.51 -0.61
CA VAL A 172 0.66 13.14 -1.27
C VAL A 172 1.10 14.42 -1.93
N GLN A 173 1.89 15.23 -1.23
CA GLN A 173 2.34 16.49 -1.80
C GLN A 173 3.20 16.27 -3.03
N ARG A 174 4.06 15.26 -2.98
CA ARG A 174 4.93 14.94 -4.11
C ARG A 174 4.15 14.47 -5.34
N GLN A 175 3.08 13.70 -5.12
CA GLN A 175 2.26 13.22 -6.23
C GLN A 175 1.43 14.33 -6.83
N ILE A 176 0.97 15.27 -6.00
CA ILE A 176 0.19 16.38 -6.52
C ILE A 176 1.05 17.20 -7.46
N GLN A 177 2.30 17.46 -7.07
CA GLN A 177 3.18 18.23 -7.92
C GLN A 177 3.42 17.51 -9.23
N VAL A 178 3.58 16.19 -9.19
CA VAL A 178 3.74 15.45 -10.43
C VAL A 178 2.53 15.52 -11.33
N HIS A 179 1.36 15.35 -10.75
CA HIS A 179 0.17 15.36 -11.57
C HIS A 179 -0.03 16.72 -12.21
N ALA A 180 0.31 17.77 -11.48
CA ALA A 180 0.22 19.09 -12.06
C ALA A 180 1.18 19.23 -13.25
N GLU A 181 2.40 18.68 -13.13
CA GLU A 181 3.40 18.75 -14.21
C GLU A 181 2.99 17.92 -15.41
N GLN A 182 2.28 16.83 -15.16
CA GLN A 182 1.75 15.98 -16.21
C GLN A 182 0.61 16.63 -16.98
N GLY A 183 -0.01 17.67 -16.39
CA GLY A 183 -1.17 18.29 -16.98
C GLY A 183 -2.37 17.36 -16.87
N LEU A 184 -2.34 16.48 -15.87
CA LEU A 184 -3.38 15.48 -15.74
C LEU A 184 -4.55 15.93 -14.87
N ILE A 185 -4.27 16.51 -13.73
CA ILE A 185 -5.32 16.92 -12.82
C ILE A 185 -4.87 18.00 -11.86
N GLN A 186 -5.75 18.93 -11.57
CA GLN A 186 -5.47 19.98 -10.60
C GLN A 186 -6.49 19.94 -9.47
N TYR A 187 -6.00 19.80 -8.25
CA TYR A 187 -6.88 19.75 -7.10
C TYR A 187 -7.07 21.17 -6.55
N PRO A 188 -8.19 21.48 -5.88
CA PRO A 188 -8.45 22.75 -5.21
C PRO A 188 -7.35 23.04 -4.24
N THR A 189 -6.96 24.31 -4.10
CA THR A 189 -5.86 24.64 -3.21
C THR A 189 -6.19 24.39 -1.76
N ALA A 190 -7.46 24.42 -1.43
CA ALA A 190 -7.89 24.18 -0.06
C ALA A 190 -7.51 22.77 0.37
N TRP A 191 -7.48 21.83 -0.57
CA TRP A 191 -7.24 20.46 -0.26
C TRP A 191 -5.80 20.17 0.01
N GLN A 192 -4.95 21.14 -0.29
CA GLN A 192 -3.53 20.96 -0.14
C GLN A 192 -3.08 21.45 1.21
N SER A 193 -4.03 21.97 2.01
CA SER A 193 -3.69 22.39 3.35
C SER A 193 -3.47 21.14 4.18
N VAL A 194 -2.68 21.24 5.24
CA VAL A 194 -2.52 20.07 6.09
C VAL A 194 -3.79 19.71 6.80
N GLY A 195 -4.51 20.72 7.28
CA GLY A 195 -5.74 20.42 8.00
C GLY A 195 -6.69 19.59 7.16
N HIS A 196 -6.78 19.86 5.85
CA HIS A 196 -7.64 19.03 5.02
C HIS A 196 -7.04 17.65 4.82
N MET A 197 -5.74 17.59 4.54
CA MET A 197 -5.15 16.29 4.25
C MET A 197 -5.26 15.36 5.44
N MET A 198 -5.23 15.89 6.66
CA MET A 198 -5.41 15.04 7.82
C MET A 198 -6.82 14.46 7.95
N VAL A 199 -7.82 15.13 7.39
CA VAL A 199 -9.16 14.59 7.44
C VAL A 199 -9.18 13.39 6.55
N ILE A 200 -8.58 13.57 5.37
CA ILE A 200 -8.54 12.51 4.39
C ILE A 200 -7.71 11.34 4.90
N PHE A 201 -6.58 11.64 5.54
CA PHE A 201 -5.74 10.59 6.09
C PHE A 201 -6.53 9.76 7.08
N ARG A 202 -7.23 10.40 8.02
CA ARG A 202 -8.00 9.66 8.99
C ARG A 202 -9.11 8.82 8.35
N LEU A 203 -9.76 9.33 7.28
CA LEU A 203 -10.78 8.50 6.63
C LEU A 203 -10.13 7.29 6.01
N MET A 204 -8.97 7.47 5.39
CA MET A 204 -8.27 6.37 4.73
C MET A 204 -7.75 5.35 5.74
N ARG A 205 -7.30 5.81 6.91
CA ARG A 205 -6.80 4.88 7.92
C ARG A 205 -7.88 4.05 8.56
N THR A 206 -9.04 4.66 8.81
CA THR A 206 -10.06 3.92 9.51
C THR A 206 -11.19 3.34 8.64
N ASN A 207 -11.40 3.81 7.41
CA ASN A 207 -12.50 3.25 6.62
C ASN A 207 -12.06 2.21 5.58
N PHE A 208 -12.35 0.95 5.87
CA PHE A 208 -11.97 -0.17 5.03
C PHE A 208 -12.53 -0.07 3.64
N LEU A 209 -13.81 0.26 3.56
CA LEU A 209 -14.53 0.24 2.31
C LEU A 209 -13.94 1.21 1.30
N ILE A 210 -13.54 2.42 1.71
CA ILE A 210 -13.00 3.32 0.72
C ILE A 210 -11.66 2.84 0.23
N LYS A 211 -10.83 2.28 1.10
CA LYS A 211 -9.57 1.76 0.62
C LYS A 211 -9.80 0.62 -0.35
N PHE A 212 -10.73 -0.24 0.00
CA PHE A 212 -11.01 -1.39 -0.84
C PHE A 212 -11.51 -0.99 -2.19
N LEU A 213 -12.48 -0.07 -2.24
CA LEU A 213 -13.04 0.30 -3.51
C LEU A 213 -12.03 1.03 -4.39
N LEU A 214 -11.16 1.87 -3.82
CA LEU A 214 -10.18 2.54 -4.67
C LEU A 214 -9.21 1.51 -5.25
N ILE A 215 -8.81 0.53 -4.45
CA ILE A 215 -7.91 -0.52 -4.91
C ILE A 215 -8.56 -1.40 -5.94
N HIS A 216 -9.80 -1.80 -5.70
CA HIS A 216 -10.50 -2.65 -6.63
C HIS A 216 -10.60 -1.97 -7.98
N GLN A 217 -11.00 -0.70 -8.03
CA GLN A 217 -11.14 -0.10 -9.34
C GLN A 217 -9.77 0.08 -9.99
N GLY A 218 -8.79 0.54 -9.22
CA GLY A 218 -7.46 0.80 -9.75
C GLY A 218 -6.79 -0.44 -10.31
N MET A 219 -7.05 -1.57 -9.69
CA MET A 219 -6.46 -2.82 -10.12
C MET A 219 -7.24 -3.56 -11.20
N HIS A 220 -8.48 -3.15 -11.50
CA HIS A 220 -9.29 -3.86 -12.46
C HIS A 220 -9.68 -3.13 -13.73
N MET A 221 -9.63 -1.80 -13.77
CA MET A 221 -10.00 -1.18 -15.02
C MET A 221 -8.96 -1.53 -16.06
N VAL A 222 -9.39 -1.81 -17.28
CA VAL A 222 -8.46 -2.15 -18.34
C VAL A 222 -8.14 -0.99 -19.28
N ALA A 223 -9.17 -0.30 -19.72
CA ALA A 223 -9.02 0.83 -20.64
C ALA A 223 -10.17 1.79 -20.43
N GLY A 224 -10.02 3.03 -20.87
CA GLY A 224 -11.12 3.97 -20.74
C GLY A 224 -10.99 4.92 -19.57
N HIS A 225 -9.83 4.95 -18.95
CA HIS A 225 -9.59 5.78 -17.78
C HIS A 225 -9.71 7.27 -18.01
N ASP A 226 -10.40 7.95 -17.09
CA ASP A 226 -10.51 9.40 -17.11
C ASP A 226 -9.31 9.94 -16.36
N ALA A 227 -9.18 11.25 -16.25
CA ALA A 227 -8.01 11.78 -15.55
C ALA A 227 -7.94 11.28 -14.13
N ASN A 228 -9.10 11.16 -13.50
CA ASN A 228 -9.20 10.72 -12.13
C ASN A 228 -8.93 9.24 -11.99
N ASP A 229 -9.12 8.47 -13.05
CA ASP A 229 -8.95 7.05 -12.92
C ASP A 229 -7.51 6.74 -13.16
N ALA A 230 -6.87 7.58 -13.98
CA ALA A 230 -5.45 7.44 -14.23
C ALA A 230 -4.71 7.69 -12.92
N VAL A 231 -5.16 8.68 -12.15
CA VAL A 231 -4.56 8.98 -10.87
C VAL A 231 -4.75 7.85 -9.88
N ILE A 232 -5.97 7.32 -9.81
CA ILE A 232 -6.22 6.22 -8.90
C ILE A 232 -5.42 5.00 -9.28
N SER A 233 -5.40 4.67 -10.56
CA SER A 233 -4.69 3.49 -11.00
C SER A 233 -3.20 3.57 -10.69
N ASN A 234 -2.63 4.76 -10.84
CA ASN A 234 -1.22 4.93 -10.59
C ASN A 234 -0.95 4.86 -9.09
N SER A 235 -1.86 5.42 -8.30
CA SER A 235 -1.71 5.44 -6.84
C SER A 235 -1.84 4.04 -6.27
N VAL A 236 -2.73 3.25 -6.85
CA VAL A 236 -2.89 1.89 -6.41
C VAL A 236 -1.67 1.09 -6.77
N ALA A 237 -1.13 1.24 -7.98
CA ALA A 237 0.06 0.49 -8.34
C ALA A 237 1.22 0.77 -7.38
N GLN A 238 1.34 2.00 -6.92
CA GLN A 238 2.40 2.38 -5.99
C GLN A 238 2.19 1.86 -4.57
N ALA A 239 0.98 1.37 -4.29
CA ALA A 239 0.66 0.86 -2.98
C ALA A 239 0.92 -0.64 -2.91
N ARG A 240 1.34 -1.27 -4.00
CA ARG A 240 1.55 -2.70 -3.90
C ARG A 240 2.74 -2.96 -3.00
N PHE A 241 2.54 -3.81 -2.02
CA PHE A 241 3.51 -4.15 -1.01
C PHE A 241 3.93 -2.96 -0.15
N SER A 242 3.10 -1.92 -0.09
CA SER A 242 3.40 -0.82 0.79
C SER A 242 3.15 -1.33 2.19
N GLY A 243 4.17 -1.32 3.02
CA GLY A 243 4.07 -1.87 4.36
C GLY A 243 4.43 -3.37 4.43
N LEU A 244 4.84 -3.96 3.31
CA LEU A 244 5.22 -5.37 3.28
C LEU A 244 6.61 -5.54 2.67
N LEU A 245 7.58 -4.66 3.02
CA LEU A 245 8.92 -4.73 2.44
C LEU A 245 9.58 -6.07 2.69
N ILE A 246 9.25 -6.70 3.80
CA ILE A 246 9.80 -8.01 4.15
C ILE A 246 9.47 -9.06 3.08
N VAL A 247 8.36 -8.87 2.36
CA VAL A 247 7.92 -9.82 1.34
C VAL A 247 8.68 -9.63 0.06
N LYS A 248 9.40 -8.53 -0.06
CA LYS A 248 10.15 -8.25 -1.26
C LYS A 248 11.60 -8.52 -0.96
N THR A 249 12.08 -8.07 0.18
CA THR A 249 13.47 -8.34 0.43
C THR A 249 13.73 -9.84 0.61
N VAL A 250 12.81 -10.57 1.24
CA VAL A 250 13.08 -11.99 1.38
C VAL A 250 12.91 -12.72 0.05
N LEU A 251 11.83 -12.46 -0.67
CA LEU A 251 11.60 -13.19 -1.93
C LEU A 251 12.51 -12.76 -3.08
N ASP A 252 12.95 -11.50 -3.10
CA ASP A 252 13.84 -11.08 -4.18
C ASP A 252 15.31 -11.43 -3.91
N HIS A 253 15.73 -11.47 -2.63
CA HIS A 253 17.15 -11.73 -2.38
C HIS A 253 17.52 -12.97 -1.54
N ILE A 254 16.64 -13.45 -0.64
CA ILE A 254 16.98 -14.57 0.23
C ILE A 254 16.53 -15.89 -0.36
N LEU A 255 15.29 -15.91 -0.82
CA LEU A 255 14.73 -17.10 -1.46
C LEU A 255 14.83 -16.89 -2.96
N GLN A 256 15.73 -17.63 -3.59
CA GLN A 256 16.04 -17.36 -4.97
C GLN A 256 15.51 -18.40 -5.93
N LYS A 257 14.45 -18.05 -6.65
CA LYS A 257 13.85 -19.02 -7.54
C LYS A 257 14.62 -19.15 -8.84
N THR A 258 14.92 -20.39 -9.18
CA THR A 258 15.58 -20.78 -10.42
C THR A 258 14.86 -21.94 -11.07
N GLU A 259 15.41 -22.42 -12.16
CA GLU A 259 14.76 -23.47 -12.95
C GLU A 259 14.55 -24.76 -12.16
N ARG A 260 15.48 -25.04 -11.27
CA ARG A 260 15.49 -26.23 -10.43
C ARG A 260 14.74 -26.10 -9.10
N GLY A 261 14.25 -24.90 -8.74
CA GLY A 261 13.64 -24.74 -7.41
C GLY A 261 14.13 -23.47 -6.72
N VAL A 262 14.00 -23.42 -5.40
CA VAL A 262 14.39 -22.20 -4.68
C VAL A 262 15.66 -22.38 -3.85
N ARG A 263 16.65 -21.54 -4.12
CA ARG A 263 17.93 -21.58 -3.42
C ARG A 263 17.92 -20.63 -2.24
N LEU A 264 18.58 -21.03 -1.16
CA LEU A 264 18.67 -20.16 0.01
C LEU A 264 20.02 -19.42 0.03
N HIS A 265 19.96 -18.09 0.05
CA HIS A 265 21.12 -17.22 0.03
C HIS A 265 22.09 -17.58 1.16
N PRO A 266 23.43 -17.67 0.92
CA PRO A 266 24.46 -18.02 1.89
C PRO A 266 24.44 -17.28 3.22
N LEU A 267 24.03 -16.02 3.24
CA LEU A 267 24.03 -15.30 4.50
C LEU A 267 22.86 -15.70 5.38
N ALA A 268 21.94 -16.46 4.81
CA ALA A 268 20.78 -16.94 5.52
C ALA A 268 20.74 -18.45 5.59
N ARG A 269 21.89 -19.13 5.39
CA ARG A 269 21.88 -20.60 5.45
C ARG A 269 22.24 -21.12 6.82
N THR A 270 22.42 -20.21 7.75
CA THR A 270 22.75 -20.53 9.12
C THR A 270 21.53 -21.13 9.80
N ALA A 271 21.71 -22.22 10.55
CA ALA A 271 20.58 -22.89 11.20
C ALA A 271 19.79 -21.96 12.10
N LYS A 272 20.47 -20.97 12.65
CA LYS A 272 19.90 -19.99 13.55
C LYS A 272 18.75 -19.22 12.89
N VAL A 273 18.83 -19.00 11.56
CA VAL A 273 17.82 -18.24 10.82
C VAL A 273 16.99 -19.11 9.89
N LYS A 274 17.41 -20.34 9.63
CA LYS A 274 16.61 -21.19 8.75
C LYS A 274 15.20 -21.40 9.30
N ASN A 275 15.03 -21.39 10.61
CA ASN A 275 13.71 -21.54 11.19
C ASN A 275 12.83 -20.31 10.90
N GLU A 276 13.45 -19.13 10.74
CA GLU A 276 12.72 -17.91 10.47
C GLU A 276 12.29 -17.96 9.03
N VAL A 277 13.12 -18.58 8.19
CA VAL A 277 12.82 -18.73 6.79
C VAL A 277 11.62 -19.63 6.61
N ASN A 278 11.60 -20.75 7.32
CA ASN A 278 10.45 -21.65 7.21
C ASN A 278 9.19 -21.04 7.82
N SER A 279 9.35 -20.26 8.89
CA SER A 279 8.21 -19.59 9.49
C SER A 279 7.68 -18.53 8.53
N PHE A 280 8.58 -17.89 7.79
CA PHE A 280 8.22 -16.87 6.83
C PHE A 280 7.41 -17.50 5.73
N LYS A 281 7.87 -18.66 5.22
CA LYS A 281 7.12 -19.35 4.18
C LYS A 281 5.72 -19.66 4.66
N ALA A 282 5.58 -20.07 5.93
CA ALA A 282 4.25 -20.33 6.47
C ALA A 282 3.41 -19.05 6.46
N ALA A 283 4.02 -17.92 6.78
CA ALA A 283 3.24 -16.68 6.76
C ALA A 283 2.80 -16.38 5.34
N LEU A 284 3.68 -16.57 4.36
CA LEU A 284 3.30 -16.26 2.99
C LEU A 284 2.19 -17.17 2.53
N SER A 285 2.23 -18.41 3.01
CA SER A 285 1.23 -19.38 2.63
C SER A 285 -0.15 -18.91 3.08
N SER A 286 -0.22 -18.18 4.20
CA SER A 286 -1.49 -17.68 4.65
C SER A 286 -1.90 -16.41 3.89
N LEU A 287 -0.94 -15.61 3.44
CA LEU A 287 -1.29 -14.37 2.74
C LEU A 287 -1.83 -14.69 1.36
N ALA A 288 -1.36 -15.78 0.81
CA ALA A 288 -1.73 -16.24 -0.51
C ALA A 288 -3.23 -16.48 -0.66
N LYS A 289 -3.95 -16.67 0.45
CA LYS A 289 -5.39 -16.94 0.37
C LYS A 289 -6.17 -15.74 -0.15
N HIS A 290 -5.54 -14.57 -0.17
CA HIS A 290 -6.21 -13.35 -0.60
C HIS A 290 -6.01 -13.06 -2.08
N GLY A 291 -5.26 -13.91 -2.78
CA GLY A 291 -5.09 -13.73 -4.21
C GLY A 291 -4.52 -12.37 -4.56
N GLU A 292 -5.20 -11.70 -5.47
CA GLU A 292 -4.82 -10.41 -6.01
C GLU A 292 -4.80 -9.27 -5.00
N TYR A 293 -5.39 -9.47 -3.82
CA TYR A 293 -5.38 -8.41 -2.85
C TYR A 293 -4.25 -8.61 -1.85
N ALA A 294 -3.51 -9.71 -1.96
CA ALA A 294 -2.44 -10.02 -1.01
C ALA A 294 -1.40 -8.88 -0.92
N PRO A 295 -0.96 -8.21 -2.01
CA PRO A 295 -0.01 -7.13 -1.99
C PRO A 295 -0.50 -5.93 -1.20
N PHE A 296 -1.78 -5.87 -0.89
CA PHE A 296 -2.32 -4.74 -0.18
C PHE A 296 -2.68 -5.12 1.24
N ALA A 297 -2.25 -6.30 1.69
CA ALA A 297 -2.61 -6.84 2.99
C ALA A 297 -2.31 -5.92 4.15
N ARG A 298 -1.25 -5.12 4.06
CA ARG A 298 -0.96 -4.22 5.17
C ARG A 298 -1.92 -3.03 5.19
N LEU A 299 -2.48 -2.65 4.04
CA LEU A 299 -3.35 -1.48 3.97
C LEU A 299 -4.77 -1.86 4.33
N LEU A 300 -5.14 -3.05 3.89
CA LEU A 300 -6.46 -3.57 4.09
C LEU A 300 -6.59 -4.42 5.35
N ASN A 301 -5.49 -4.53 6.12
CA ASN A 301 -5.45 -5.31 7.36
C ASN A 301 -5.98 -6.70 7.13
N LEU A 302 -5.50 -7.35 6.09
CA LEU A 302 -6.04 -8.65 5.75
C LEU A 302 -5.51 -9.74 6.65
N SER A 303 -6.34 -10.74 6.91
CA SER A 303 -5.94 -11.84 7.76
C SER A 303 -4.66 -12.47 7.31
N GLY A 304 -3.78 -12.71 8.28
CA GLY A 304 -2.49 -13.33 8.03
C GLY A 304 -1.36 -12.30 7.94
N VAL A 305 -1.69 -11.03 7.76
CA VAL A 305 -0.63 -10.03 7.64
C VAL A 305 0.18 -9.88 8.92
N ASN A 306 -0.39 -10.30 10.03
CA ASN A 306 0.25 -10.23 11.33
C ASN A 306 1.28 -11.33 11.50
N ASN A 307 1.39 -12.22 10.51
CA ASN A 307 2.37 -13.28 10.58
C ASN A 307 3.63 -12.83 9.84
N LEU A 308 3.60 -11.60 9.28
CA LEU A 308 4.73 -11.03 8.54
C LEU A 308 5.44 -9.89 9.24
N GLU A 309 5.21 -9.73 10.54
CA GLU A 309 5.84 -8.62 11.26
C GLU A 309 7.34 -8.82 11.40
N HIS A 310 8.10 -7.73 11.39
CA HIS A 310 9.56 -7.83 11.47
C HIS A 310 10.05 -8.43 12.78
N GLY A 311 9.29 -8.22 13.85
CA GLY A 311 9.66 -8.70 15.18
C GLY A 311 9.57 -10.21 15.29
N LEU A 312 8.92 -10.85 14.33
CA LEU A 312 8.78 -12.29 14.37
C LEU A 312 9.92 -12.95 13.65
N PHE A 313 10.67 -12.16 12.87
CA PHE A 313 11.75 -12.70 12.07
C PHE A 313 12.95 -11.79 12.19
N PRO A 314 13.54 -11.57 13.37
CA PRO A 314 14.57 -10.58 13.58
C PRO A 314 15.88 -10.77 12.81
N GLN A 315 16.23 -12.00 12.43
CA GLN A 315 17.49 -12.17 11.74
C GLN A 315 17.23 -12.06 10.29
N LEU A 316 16.11 -12.63 9.87
CA LEU A 316 15.73 -12.64 8.48
C LEU A 316 15.42 -11.23 8.05
N SER A 317 14.76 -10.45 8.91
CA SER A 317 14.46 -9.08 8.59
C SER A 317 15.71 -8.27 8.38
N ALA A 318 16.65 -8.31 9.33
CA ALA A 318 17.85 -7.52 9.18
C ALA A 318 18.72 -7.99 8.02
N ILE A 319 18.82 -9.31 7.82
CA ILE A 319 19.64 -9.83 6.75
C ILE A 319 19.04 -9.58 5.40
N ALA A 320 17.75 -9.85 5.22
CA ALA A 320 17.13 -9.64 3.93
C ALA A 320 17.20 -8.17 3.52
N LEU A 321 17.02 -7.25 4.46
CA LEU A 321 17.11 -5.86 4.08
C LEU A 321 18.55 -5.52 3.80
N GLY A 322 19.46 -6.05 4.62
CA GLY A 322 20.88 -5.76 4.45
C GLY A 322 21.41 -6.25 3.11
N VAL A 323 21.01 -7.43 2.66
CA VAL A 323 21.54 -7.85 1.38
C VAL A 323 20.83 -7.08 0.29
N ALA A 324 19.54 -6.82 0.43
CA ALA A 324 18.83 -6.09 -0.60
C ALA A 324 19.44 -4.69 -0.80
N THR A 325 19.93 -4.10 0.29
CA THR A 325 20.53 -2.78 0.30
C THR A 325 21.84 -2.75 -0.47
N ALA A 326 22.46 -3.91 -0.70
CA ALA A 326 23.69 -4.01 -1.43
C ALA A 326 23.43 -3.91 -2.93
N HIS A 327 22.17 -4.05 -3.33
CA HIS A 327 21.75 -4.01 -4.73
C HIS A 327 20.94 -2.75 -5.05
N GLY A 328 20.02 -2.38 -4.15
CA GLY A 328 19.18 -1.21 -4.35
C GLY A 328 19.76 0.01 -3.65
N SER A 329 20.34 0.94 -4.39
CA SER A 329 21.00 2.07 -3.74
C SER A 329 20.06 2.98 -2.96
N THR A 330 18.76 2.90 -3.26
CA THR A 330 17.74 3.71 -2.61
C THR A 330 17.17 3.01 -1.39
N LEU A 331 17.46 1.72 -1.25
CA LEU A 331 16.89 0.93 -0.17
C LEU A 331 17.65 1.24 1.09
N ALA A 332 18.80 1.86 0.90
CA ALA A 332 19.67 2.33 1.94
C ALA A 332 18.97 3.37 2.79
N GLY A 333 17.92 4.00 2.26
CA GLY A 333 17.20 5.01 3.00
C GLY A 333 16.17 4.44 3.99
N VAL A 334 15.95 3.11 3.98
CA VAL A 334 14.96 2.49 4.87
C VAL A 334 15.46 2.40 6.29
N ASN A 335 14.65 2.83 7.25
CA ASN A 335 15.01 2.72 8.66
C ASN A 335 14.58 1.39 9.25
N VAL A 336 15.37 0.91 10.20
CA VAL A 336 15.08 -0.26 11.00
C VAL A 336 15.37 0.11 12.45
N GLY A 337 14.90 -0.67 13.40
CA GLY A 337 15.20 -0.37 14.79
C GLY A 337 16.65 -0.73 15.14
N GLU A 338 17.08 -0.32 16.32
CA GLU A 338 18.46 -0.48 16.74
C GLU A 338 18.91 -1.92 16.82
N GLN A 339 17.97 -2.81 17.12
CA GLN A 339 18.21 -4.23 17.21
C GLN A 339 18.68 -4.81 15.89
N TYR A 340 18.22 -4.21 14.79
CA TYR A 340 18.47 -4.70 13.47
C TYR A 340 19.59 -3.99 12.73
N GLN A 341 19.89 -2.76 13.12
CA GLN A 341 20.84 -1.97 12.35
C GLN A 341 22.23 -2.59 12.22
N GLN A 342 22.77 -3.18 13.28
CA GLN A 342 24.11 -3.74 13.16
C GLN A 342 24.17 -4.99 12.31
N LEU A 343 23.12 -5.81 12.37
CA LEU A 343 23.14 -7.03 11.60
C LEU A 343 22.93 -6.67 10.16
N ARG A 344 22.08 -5.67 9.93
CA ARG A 344 21.83 -5.22 8.59
C ARG A 344 23.13 -4.81 7.94
N GLU A 345 23.93 -3.99 8.62
CA GLU A 345 25.17 -3.56 8.01
C GLU A 345 26.11 -4.73 7.78
N ALA A 346 26.16 -5.68 8.71
CA ALA A 346 27.03 -6.82 8.52
C ALA A 346 26.65 -7.60 7.27
N ALA A 347 25.35 -7.74 7.03
CA ALA A 347 24.86 -8.46 5.86
C ALA A 347 25.10 -7.67 4.59
N THR A 348 25.00 -6.34 4.66
CA THR A 348 25.21 -5.53 3.47
C THR A 348 26.66 -5.63 3.03
N GLU A 349 27.57 -5.55 3.99
CA GLU A 349 28.98 -5.61 3.63
C GLU A 349 29.34 -6.98 3.12
N ALA A 350 28.80 -8.03 3.74
CA ALA A 350 29.10 -9.36 3.26
C ALA A 350 28.56 -9.55 1.86
N GLU A 351 27.37 -9.02 1.56
CA GLU A 351 26.81 -9.17 0.23
C GLU A 351 27.60 -8.41 -0.82
N LYS A 352 28.07 -7.21 -0.49
CA LYS A 352 28.87 -6.50 -1.48
C LYS A 352 30.12 -7.30 -1.83
N GLN A 353 30.75 -7.92 -0.82
CA GLN A 353 31.95 -8.70 -1.08
C GLN A 353 31.64 -9.98 -1.85
N LEU A 354 30.52 -10.63 -1.53
CA LEU A 354 30.16 -11.87 -2.19
C LEU A 354 29.86 -11.60 -3.66
N GLN A 355 29.21 -10.47 -3.94
CA GLN A 355 28.90 -10.14 -5.32
C GLN A 355 30.13 -9.74 -6.10
N GLN A 356 31.09 -9.03 -5.51
CA GLN A 356 32.25 -8.68 -6.31
C GLN A 356 32.99 -9.94 -6.71
N TYR A 357 33.03 -10.92 -5.82
CA TYR A 357 33.64 -12.19 -6.15
C TYR A 357 32.86 -12.84 -7.29
N ALA A 358 31.53 -12.91 -7.14
CA ALA A 358 30.70 -13.56 -8.13
C ALA A 358 30.79 -12.91 -9.52
N GLU A 359 30.84 -11.58 -9.57
CA GLU A 359 30.95 -10.88 -10.84
C GLU A 359 32.28 -11.15 -11.50
N SER A 360 33.33 -11.24 -10.70
CA SER A 360 34.65 -11.45 -11.22
C SER A 360 34.80 -12.85 -11.80
N ARG A 361 34.21 -13.86 -11.14
CA ARG A 361 34.36 -15.24 -11.63
C ARG A 361 33.42 -15.53 -12.80
N GLU A 362 32.26 -14.87 -12.86
CA GLU A 362 31.30 -15.14 -13.92
C GLU A 362 31.90 -14.84 -15.29
N LEU A 363 32.73 -13.84 -15.37
CA LEU A 363 33.33 -13.46 -16.64
C LEU A 363 34.20 -14.57 -17.20
N ASP A 364 34.72 -15.46 -16.37
CA ASP A 364 35.62 -16.49 -16.85
C ASP A 364 34.87 -17.70 -17.38
N HIS A 365 33.54 -17.63 -17.35
CA HIS A 365 32.72 -18.69 -17.88
C HIS A 365 32.03 -18.21 -19.16
N LEU A 366 32.38 -17.01 -19.61
CA LEU A 366 31.78 -16.43 -20.80
C LEU A 366 32.78 -16.35 -21.95
N GLY A 367 32.31 -16.44 -23.19
CA GLY A 367 33.19 -16.36 -24.37
C GLY A 367 33.63 -14.92 -24.69
N LEU A 368 34.39 -14.36 -23.77
CA LEU A 368 34.85 -12.97 -23.81
C LEU A 368 36.32 -12.75 -24.24
N ASP A 369 36.96 -13.80 -24.71
CA ASP A 369 38.36 -13.70 -25.11
C ASP A 369 39.19 -13.05 -24.00
N ASP A 370 39.72 -11.87 -24.28
CA ASP A 370 40.55 -11.11 -23.36
C ASP A 370 40.16 -9.64 -23.44
N GLN A 371 40.27 -9.05 -24.61
CA GLN A 371 39.95 -7.65 -24.79
C GLN A 371 38.50 -7.34 -24.47
N GLU A 372 37.58 -8.24 -24.80
CA GLU A 372 36.18 -7.96 -24.53
C GLU A 372 35.93 -8.04 -23.03
N LYS A 373 36.47 -9.09 -22.42
CA LYS A 373 36.35 -9.29 -20.98
C LYS A 373 36.82 -8.07 -20.19
N LYS A 374 37.94 -7.48 -20.60
CA LYS A 374 38.48 -6.31 -19.91
C LYS A 374 37.54 -5.11 -19.94
N ILE A 375 36.74 -4.98 -20.99
CA ILE A 375 35.83 -3.86 -21.11
C ILE A 375 34.75 -4.04 -20.07
N LEU A 376 34.26 -5.27 -19.97
CA LEU A 376 33.23 -5.60 -19.01
C LEU A 376 33.73 -5.44 -17.58
N MET A 377 35.00 -5.78 -17.33
CA MET A 377 35.56 -5.59 -16.00
C MET A 377 35.57 -4.13 -15.63
N ASN A 378 35.95 -3.26 -16.57
CA ASN A 378 35.98 -1.84 -16.24
C ASN A 378 34.57 -1.31 -16.03
N PHE A 379 33.61 -1.85 -16.79
CA PHE A 379 32.22 -1.47 -16.61
C PHE A 379 31.74 -1.81 -15.23
N HIS A 380 32.02 -3.04 -14.79
CA HIS A 380 31.57 -3.47 -13.47
C HIS A 380 32.19 -2.62 -12.39
N GLN A 381 33.46 -2.26 -12.54
CA GLN A 381 34.09 -1.45 -11.53
C GLN A 381 33.46 -0.08 -11.45
N LYS A 382 33.11 0.49 -12.60
CA LYS A 382 32.49 1.81 -12.62
C LYS A 382 31.09 1.72 -12.04
N LYS A 383 30.35 0.68 -12.41
CA LYS A 383 28.99 0.50 -11.95
C LYS A 383 28.94 0.37 -10.45
N ASN A 384 29.89 -0.38 -9.88
CA ASN A 384 29.94 -0.57 -8.45
C ASN A 384 30.34 0.72 -7.76
N GLU A 385 31.24 1.51 -8.34
CA GLU A 385 31.61 2.75 -7.67
C GLU A 385 30.45 3.72 -7.65
N ILE A 386 29.72 3.81 -8.76
CA ILE A 386 28.58 4.71 -8.87
C ILE A 386 27.50 4.33 -7.84
N SER A 387 27.28 3.04 -7.67
CA SER A 387 26.29 2.54 -6.73
C SER A 387 26.71 2.82 -5.29
N PHE A 388 27.98 2.58 -5.00
CA PHE A 388 28.53 2.81 -3.66
C PHE A 388 28.29 4.25 -3.23
N GLN A 389 28.62 5.18 -4.13
CA GLN A 389 28.45 6.60 -3.84
C GLN A 389 26.97 6.93 -3.61
N GLN A 390 26.11 6.34 -4.43
CA GLN A 390 24.68 6.56 -4.32
C GLN A 390 24.15 6.02 -2.99
N THR A 391 24.66 4.86 -2.60
CA THR A 391 24.24 4.24 -1.35
C THR A 391 24.62 5.13 -0.16
N ASN A 392 25.84 5.64 -0.17
CA ASN A 392 26.32 6.51 0.89
C ASN A 392 25.46 7.76 1.02
N ALA A 393 25.11 8.35 -0.11
CA ALA A 393 24.28 9.55 -0.13
C ALA A 393 22.96 9.29 0.57
N MET A 394 22.40 8.11 0.34
CA MET A 394 21.13 7.73 0.94
C MET A 394 21.26 7.46 2.43
N VAL A 395 22.40 6.90 2.83
CA VAL A 395 22.65 6.67 4.23
C VAL A 395 22.75 7.98 4.95
N THR A 396 23.44 8.94 4.34
CA THR A 396 23.56 10.25 4.93
C THR A 396 22.18 10.87 5.11
N LEU A 397 21.32 10.77 4.08
CA LEU A 397 19.99 11.35 4.22
C LEU A 397 19.19 10.66 5.31
N ARG A 398 19.32 9.34 5.42
CA ARG A 398 18.58 8.64 6.45
C ARG A 398 18.95 9.22 7.80
N LYS A 399 20.24 9.43 8.03
CA LYS A 399 20.70 9.97 9.30
C LYS A 399 20.22 11.41 9.49
N GLU A 400 20.23 12.21 8.43
CA GLU A 400 19.76 13.59 8.55
C GLU A 400 18.27 13.63 8.89
N ARG A 401 17.50 12.72 8.30
CA ARG A 401 16.06 12.70 8.56
C ARG A 401 15.79 12.34 10.01
N LEU A 402 16.56 11.39 10.55
CA LEU A 402 16.36 11.01 11.93
C LEU A 402 16.72 12.18 12.85
N ALA A 403 17.80 12.90 12.49
CA ALA A 403 18.21 14.04 13.28
C ALA A 403 17.16 15.14 13.28
N LYS A 404 16.48 15.34 12.15
CA LYS A 404 15.42 16.33 12.05
C LYS A 404 14.19 15.94 12.87
N LEU A 405 13.87 14.64 12.88
CA LEU A 405 12.75 14.15 13.67
C LEU A 405 13.03 14.27 15.17
N THR A 406 14.29 14.03 15.55
CA THR A 406 14.71 14.11 16.92
C THR A 406 14.48 15.52 17.47
#